data_5D6G
#
_entry.id   5D6G
#
_cell.length_a   104.230
_cell.length_b   108.310
_cell.length_c   112.950
_cell.angle_alpha   90.00
_cell.angle_beta   90.00
_cell.angle_gamma   90.00
#
_symmetry.space_group_name_H-M   'I 2 2 2'
#
loop_
_entity.id
_entity.type
_entity.pdbx_description
1 polymer '50S ribosomal protein L10'
2 polymer '23S ribosomal RNA'
3 non-polymer 'MAGNESIUM ION'
4 water water
#
loop_
_entity_poly.entity_id
_entity_poly.type
_entity_poly.pdbx_seq_one_letter_code
_entity_poly.pdbx_strand_id
1 'polypeptide(L)'
;MAPWKIEEVKTLKGLIKSKPVVAIVDMMDVPAPQLQEIRDKIRDKVKLRMSRNTLIIRALKEAAEELNNPKLAELANYVE
RGAAILVTDMNPFKLYKLLEENKSPAPVRGGQIAPCDIKVEKGSTGMPPGPFLGELKSVGIPAAIEKGKIAIKEDKVVVK
KGEVVSPKLAAVLDRLGIKPIKVGLNILAVYEDGIIYTPDVLKVDEEKLLADI
;
A
2 'polyribonucleotide' GCCUAAGACAGCGGGGAGGUUGGCUUAGAAGCAGCCAUCCUUUAAAGAGUGCGUAACAGCUCACCCGUCGAGGC 0
#
# COMPACT_ATOMS: atom_id res chain seq x y z
N ALA A 2 -18.17 16.06 -21.07
CA ALA A 2 -16.96 16.02 -21.87
C ALA A 2 -16.76 14.66 -22.50
N PRO A 3 -16.57 14.66 -23.83
CA PRO A 3 -16.55 13.46 -24.68
C PRO A 3 -15.55 12.41 -24.21
N TRP A 4 -14.40 12.82 -23.69
CA TRP A 4 -13.44 11.80 -23.29
C TRP A 4 -13.91 11.09 -22.03
N LYS A 5 -14.69 11.77 -21.21
CA LYS A 5 -15.16 11.20 -19.94
C LYS A 5 -16.11 10.02 -20.13
N ILE A 6 -17.02 10.17 -21.07
CA ILE A 6 -17.91 9.08 -21.42
C ILE A 6 -17.13 7.86 -21.88
N GLU A 7 -16.24 8.09 -22.85
CA GLU A 7 -15.52 7.00 -23.47
C GLU A 7 -14.76 6.21 -22.40
N GLU A 8 -14.19 6.92 -21.43
CA GLU A 8 -13.61 6.25 -20.25
C GLU A 8 -14.69 5.33 -19.61
N VAL A 9 -15.74 5.94 -19.05
CA VAL A 9 -16.73 5.22 -18.23
C VAL A 9 -17.19 3.99 -18.97
N LYS A 10 -17.36 4.16 -20.28
CA LYS A 10 -17.71 3.09 -21.20
C LYS A 10 -16.71 1.93 -21.04
N THR A 11 -15.42 2.22 -21.13
CA THR A 11 -14.40 1.18 -21.00
C THR A 11 -14.29 0.66 -19.59
N LEU A 12 -14.59 1.51 -18.61
CA LEU A 12 -14.55 1.09 -17.22
C LEU A 12 -15.55 -0.04 -16.97
N LYS A 13 -16.83 0.25 -17.25
CA LYS A 13 -17.90 -0.71 -17.05
C LYS A 13 -17.65 -1.98 -17.81
N GLY A 14 -17.40 -1.81 -19.11
CA GLY A 14 -17.20 -2.91 -20.02
C GLY A 14 -16.10 -3.83 -19.54
N LEU A 15 -15.10 -3.27 -18.87
CA LEU A 15 -14.04 -4.08 -18.28
C LEU A 15 -14.50 -4.68 -16.93
N ILE A 16 -15.48 -4.05 -16.29
CA ILE A 16 -16.00 -4.51 -14.99
C ILE A 16 -16.77 -5.85 -15.11
N LYS A 17 -17.71 -5.96 -16.03
CA LYS A 17 -18.49 -7.18 -16.08
C LYS A 17 -17.78 -8.25 -16.89
N SER A 18 -16.58 -7.95 -17.38
CA SER A 18 -15.87 -8.89 -18.26
C SER A 18 -15.34 -10.09 -17.46
N LYS A 19 -15.15 -9.89 -16.16
CA LYS A 19 -14.59 -10.94 -15.33
C LYS A 19 -15.47 -11.16 -14.09
N PRO A 20 -15.36 -12.35 -13.48
CA PRO A 20 -16.12 -12.67 -12.27
C PRO A 20 -15.73 -11.89 -11.00
N VAL A 21 -14.45 -11.53 -10.85
CA VAL A 21 -14.02 -10.92 -9.59
C VAL A 21 -13.59 -9.43 -9.65
N VAL A 22 -14.45 -8.55 -9.13
CA VAL A 22 -14.25 -7.09 -9.18
C VAL A 22 -13.59 -6.48 -7.95
N ALA A 23 -12.36 -6.00 -8.15
CA ALA A 23 -11.47 -5.56 -7.08
C ALA A 23 -11.10 -4.08 -7.08
N ILE A 24 -11.24 -3.47 -5.91
CA ILE A 24 -10.91 -2.06 -5.77
C ILE A 24 -9.62 -1.93 -4.98
N VAL A 25 -8.56 -1.49 -5.64
CA VAL A 25 -7.24 -1.46 -5.01
C VAL A 25 -6.65 -0.06 -4.97
N ASP A 26 -5.67 0.10 -4.09
CA ASP A 26 -5.02 1.39 -3.88
C ASP A 26 -3.57 1.29 -4.28
N MET A 27 -3.21 2.07 -5.27
CA MET A 27 -1.83 2.19 -5.70
C MET A 27 -1.14 3.45 -5.11
N MET A 28 -1.83 4.22 -4.28
CA MET A 28 -1.23 5.48 -3.83
C MET A 28 0.08 5.21 -3.14
N ASP A 29 1.03 6.11 -3.36
CA ASP A 29 2.41 6.00 -2.88
C ASP A 29 3.05 4.72 -3.39
N VAL A 30 2.98 4.54 -4.70
CA VAL A 30 3.75 3.49 -5.29
C VAL A 30 4.60 4.13 -6.35
N PRO A 31 5.88 3.73 -6.38
CA PRO A 31 6.83 4.27 -7.35
C PRO A 31 6.67 3.61 -8.70
N ALA A 32 6.89 4.36 -9.77
CA ALA A 32 6.60 3.90 -11.13
C ALA A 32 7.37 2.63 -11.57
N PRO A 33 8.67 2.51 -11.21
CA PRO A 33 9.36 1.27 -11.58
C PRO A 33 8.84 0.01 -10.89
N GLN A 34 8.61 0.09 -9.58
CA GLN A 34 8.12 -1.04 -8.79
C GLN A 34 6.73 -1.43 -9.26
N LEU A 35 6.00 -0.43 -9.75
CA LEU A 35 4.69 -0.61 -10.33
C LEU A 35 4.75 -1.45 -11.58
N GLN A 36 5.61 -1.04 -12.50
CA GLN A 36 5.69 -1.73 -13.77
C GLN A 36 6.25 -3.14 -13.57
N GLU A 37 7.00 -3.39 -12.49
CA GLU A 37 7.47 -4.76 -12.17
C GLU A 37 6.30 -5.63 -11.70
N ILE A 38 5.58 -5.13 -10.68
CA ILE A 38 4.31 -5.71 -10.25
C ILE A 38 3.36 -5.94 -11.41
N ARG A 39 3.30 -4.94 -12.29
CA ARG A 39 2.45 -4.99 -13.47
C ARG A 39 2.63 -6.25 -14.31
N ASP A 40 3.86 -6.56 -14.73
CA ASP A 40 4.05 -7.69 -15.64
C ASP A 40 4.02 -9.08 -15.00
N LYS A 41 4.05 -9.16 -13.66
CA LYS A 41 3.80 -10.46 -13.05
C LYS A 41 2.29 -10.77 -13.05
N ILE A 42 1.46 -9.74 -12.92
CA ILE A 42 0.02 -9.95 -12.87
C ILE A 42 -0.69 -9.77 -14.22
N ARG A 43 0.10 -9.52 -15.26
CA ARG A 43 -0.39 -9.14 -16.58
C ARG A 43 -1.49 -10.02 -17.19
N ASP A 44 -1.21 -11.31 -17.27
CA ASP A 44 -2.10 -12.28 -17.90
C ASP A 44 -3.26 -12.67 -17.01
N LYS A 45 -3.03 -12.59 -15.70
CA LYS A 45 -4.03 -12.97 -14.73
C LYS A 45 -5.09 -11.88 -14.68
N VAL A 46 -4.65 -10.70 -14.27
CA VAL A 46 -5.56 -9.63 -13.95
C VAL A 46 -5.40 -8.45 -14.90
N LYS A 47 -6.46 -7.67 -15.06
CA LYS A 47 -6.39 -6.46 -15.90
C LYS A 47 -6.69 -5.22 -15.06
N LEU A 48 -5.90 -4.16 -15.24
CA LEU A 48 -6.11 -2.89 -14.51
C LEU A 48 -6.19 -1.61 -15.33
N ARG A 49 -7.08 -0.74 -14.91
CA ARG A 49 -7.11 0.65 -15.37
C ARG A 49 -7.45 1.52 -14.16
N MET A 50 -7.12 2.80 -14.29
CA MET A 50 -7.17 3.77 -13.21
C MET A 50 -7.78 5.05 -13.75
N SER A 51 -8.65 5.68 -12.99
CA SER A 51 -9.21 6.95 -13.44
C SER A 51 -9.63 7.75 -12.25
N ARG A 52 -10.17 8.93 -12.51
CA ARG A 52 -10.67 9.77 -11.46
C ARG A 52 -11.63 8.94 -10.65
N ASN A 53 -11.46 8.94 -9.34
CA ASN A 53 -12.34 8.14 -8.51
C ASN A 53 -13.83 8.58 -8.67
N THR A 54 -14.06 9.83 -9.07
CA THR A 54 -15.42 10.28 -9.31
C THR A 54 -16.02 9.53 -10.49
N LEU A 55 -15.27 9.46 -11.60
CA LEU A 55 -15.70 8.66 -12.74
C LEU A 55 -15.95 7.24 -12.31
N ILE A 56 -15.17 6.78 -11.34
CA ILE A 56 -15.36 5.42 -10.86
C ILE A 56 -16.44 5.34 -9.76
N ILE A 57 -16.83 6.47 -9.17
CA ILE A 57 -17.88 6.35 -8.17
C ILE A 57 -19.16 5.91 -8.87
N ARG A 58 -19.50 6.48 -10.05
CA ARG A 58 -20.73 5.94 -10.67
C ARG A 58 -20.34 4.67 -11.45
N ALA A 59 -19.73 4.75 -12.63
CA ALA A 59 -18.92 3.63 -13.12
C ALA A 59 -19.69 2.34 -12.94
N LEU A 60 -19.15 1.56 -12.02
CA LEU A 60 -19.80 0.40 -11.46
C LEU A 60 -21.27 0.59 -11.00
N LYS A 61 -21.63 1.72 -10.40
CA LYS A 61 -23.03 1.91 -9.98
C LYS A 61 -24.00 1.90 -11.18
N GLU A 62 -23.56 2.48 -12.29
CA GLU A 62 -24.36 2.49 -13.52
C GLU A 62 -24.47 1.06 -14.04
N ALA A 63 -23.43 0.26 -13.79
CA ALA A 63 -23.38 -1.12 -14.24
C ALA A 63 -23.95 -2.04 -13.19
N ALA A 64 -24.16 -1.49 -12.00
CA ALA A 64 -24.95 -2.19 -10.99
C ALA A 64 -26.40 -2.25 -11.45
N GLU A 65 -26.76 -1.30 -12.33
CA GLU A 65 -28.09 -1.20 -12.92
C GLU A 65 -28.25 -2.25 -14.01
N GLU A 66 -27.19 -2.42 -14.80
CA GLU A 66 -27.18 -3.28 -15.98
C GLU A 66 -27.25 -4.77 -15.63
N LEU A 67 -26.41 -5.20 -14.70
CA LEU A 67 -26.40 -6.60 -14.28
C LEU A 67 -27.53 -6.83 -13.26
N ASN A 68 -28.15 -5.75 -12.83
CA ASN A 68 -29.16 -5.72 -11.77
C ASN A 68 -28.69 -6.34 -10.45
N ASN A 69 -27.69 -5.72 -9.82
CA ASN A 69 -27.37 -6.08 -8.43
C ASN A 69 -27.31 -4.84 -7.51
N PRO A 70 -27.93 -4.94 -6.32
CA PRO A 70 -27.96 -3.83 -5.34
C PRO A 70 -26.64 -3.49 -4.64
N LYS A 71 -25.93 -4.52 -4.20
CA LYS A 71 -24.85 -4.32 -3.24
C LYS A 71 -23.45 -4.29 -3.87
N LEU A 72 -23.37 -4.49 -5.18
CA LEU A 72 -22.10 -4.27 -5.85
C LEU A 72 -21.84 -2.77 -5.91
N ALA A 73 -22.92 -2.02 -6.10
CA ALA A 73 -22.89 -0.58 -5.96
C ALA A 73 -22.43 -0.18 -4.57
N GLU A 74 -22.71 -1.03 -3.59
CA GLU A 74 -22.46 -0.70 -2.20
C GLU A 74 -20.95 -0.64 -1.97
N LEU A 75 -20.18 -1.29 -2.84
CA LEU A 75 -18.75 -1.25 -2.62
C LEU A 75 -18.21 0.13 -2.95
N ALA A 76 -18.93 0.88 -3.77
CA ALA A 76 -18.48 2.23 -4.13
C ALA A 76 -18.51 3.16 -2.91
N ASN A 77 -19.30 2.77 -1.91
CA ASN A 77 -19.31 3.46 -0.64
C ASN A 77 -17.98 3.27 0.06
N TYR A 78 -17.22 2.25 -0.35
CA TYR A 78 -15.81 2.23 0.02
C TYR A 78 -15.01 2.66 -1.22
N VAL A 79 -14.59 3.91 -1.19
CA VAL A 79 -13.58 4.45 -2.07
C VAL A 79 -12.82 5.49 -1.25
N GLU A 80 -11.51 5.43 -1.27
CA GLU A 80 -10.74 6.42 -0.54
C GLU A 80 -9.45 6.66 -1.28
N ARG A 81 -8.67 7.61 -0.78
CA ARG A 81 -7.32 7.91 -1.25
C ARG A 81 -7.30 7.91 -2.79
N GLY A 82 -6.32 7.26 -3.40
CA GLY A 82 -6.34 7.07 -4.84
C GLY A 82 -7.06 5.76 -5.09
N ALA A 83 -7.54 5.54 -6.29
CA ALA A 83 -8.22 4.28 -6.49
C ALA A 83 -8.06 3.78 -7.90
N ALA A 84 -8.18 2.47 -8.06
CA ALA A 84 -8.20 1.88 -9.38
C ALA A 84 -8.94 0.57 -9.34
N ILE A 85 -9.36 0.14 -10.52
CA ILE A 85 -10.20 -1.04 -10.65
C ILE A 85 -9.35 -2.22 -11.11
N LEU A 86 -9.71 -3.39 -10.62
CA LEU A 86 -9.00 -4.59 -10.97
C LEU A 86 -10.00 -5.70 -11.33
N VAL A 87 -9.71 -6.45 -12.39
CA VAL A 87 -10.62 -7.51 -12.83
C VAL A 87 -9.87 -8.82 -13.06
N THR A 88 -10.40 -9.90 -12.50
CA THR A 88 -9.80 -11.22 -12.70
C THR A 88 -10.79 -12.38 -12.54
N ASP A 89 -10.29 -13.59 -12.81
CA ASP A 89 -11.06 -14.80 -12.62
C ASP A 89 -10.70 -15.43 -11.28
N MET A 90 -9.82 -14.77 -10.57
CA MET A 90 -9.34 -15.27 -9.29
C MET A 90 -10.15 -14.67 -8.16
N ASN A 91 -10.63 -15.48 -7.23
CA ASN A 91 -11.34 -14.94 -6.08
C ASN A 91 -10.33 -14.13 -5.27
N PRO A 92 -10.77 -13.47 -4.20
CA PRO A 92 -9.80 -12.67 -3.44
C PRO A 92 -8.64 -13.38 -2.76
N PHE A 93 -8.90 -14.53 -2.15
CA PHE A 93 -8.01 -15.01 -1.11
C PHE A 93 -6.61 -15.34 -1.61
N LYS A 94 -6.47 -16.03 -2.73
CA LYS A 94 -5.11 -16.18 -3.25
C LYS A 94 -4.72 -14.87 -3.94
N LEU A 95 -5.70 -14.11 -4.39
CA LEU A 95 -5.39 -12.83 -5.03
C LEU A 95 -4.75 -11.83 -4.05
N TYR A 96 -5.20 -11.84 -2.80
CA TYR A 96 -4.64 -10.96 -1.77
C TYR A 96 -3.22 -11.34 -1.45
N LYS A 97 -3.01 -12.62 -1.20
CA LYS A 97 -1.67 -13.14 -0.95
C LYS A 97 -0.81 -12.69 -2.11
N LEU A 98 -1.34 -12.87 -3.31
CA LEU A 98 -0.65 -12.55 -4.55
C LEU A 98 -0.17 -11.11 -4.52
N LEU A 99 -1.00 -10.21 -4.03
CA LEU A 99 -0.58 -8.81 -3.97
C LEU A 99 0.39 -8.52 -2.82
N GLU A 100 0.18 -9.17 -1.70
CA GLU A 100 0.99 -8.84 -0.56
C GLU A 100 2.36 -9.52 -0.64
N GLU A 101 2.47 -10.57 -1.45
CA GLU A 101 3.74 -11.28 -1.52
C GLU A 101 4.77 -10.56 -2.39
N ASN A 102 4.30 -9.95 -3.47
CA ASN A 102 5.17 -9.35 -4.47
C ASN A 102 5.46 -7.90 -4.14
N LYS A 103 5.02 -7.46 -2.97
CA LYS A 103 5.25 -6.07 -2.57
C LYS A 103 6.74 -5.85 -2.34
N SER A 104 7.09 -4.62 -2.01
CA SER A 104 8.49 -4.27 -1.83
C SER A 104 8.64 -3.44 -0.58
N PRO A 105 9.81 -3.50 0.07
CA PRO A 105 10.12 -2.61 1.18
C PRO A 105 10.32 -1.16 0.73
N ALA A 106 9.72 -0.22 1.43
CA ALA A 106 9.97 1.15 1.10
C ALA A 106 10.39 1.86 2.33
N PRO A 107 11.18 2.93 2.15
CA PRO A 107 11.52 3.74 3.31
C PRO A 107 10.25 4.33 3.92
N VAL A 108 10.34 4.72 5.19
CA VAL A 108 9.24 5.35 5.93
C VAL A 108 9.26 6.88 5.76
N ARG A 109 8.09 7.53 5.70
CA ARG A 109 7.99 8.99 5.73
C ARG A 109 7.37 9.50 7.06
N GLY A 110 7.21 10.82 7.22
CA GLY A 110 6.73 11.41 8.47
C GLY A 110 5.21 11.47 8.67
N GLY A 111 4.77 11.79 9.89
CA GLY A 111 3.35 11.87 10.22
C GLY A 111 2.54 10.63 9.88
N GLN A 112 3.14 9.46 10.05
CA GLN A 112 2.49 8.23 9.66
C GLN A 112 2.54 7.21 10.79
N ILE A 113 1.49 6.41 10.93
CA ILE A 113 1.44 5.33 11.92
C ILE A 113 2.41 4.24 11.46
N ALA A 114 2.48 3.11 12.16
CA ALA A 114 3.33 2.02 11.70
C ALA A 114 2.49 0.78 11.42
N PRO A 115 2.83 0.04 10.34
CA PRO A 115 2.19 -1.24 9.99
C PRO A 115 2.63 -2.38 10.91
N CYS A 116 3.85 -2.21 11.41
CA CYS A 116 4.55 -3.18 12.22
C CYS A 116 5.26 -2.43 13.30
N ASP A 117 6.13 -3.13 13.99
CA ASP A 117 6.92 -2.49 14.99
C ASP A 117 8.26 -2.17 14.30
N ILE A 118 8.85 -1.04 14.66
CA ILE A 118 10.00 -0.49 13.94
C ILE A 118 11.34 -0.51 14.73
N LYS A 119 12.36 -1.16 14.16
CA LYS A 119 13.67 -1.28 14.81
C LYS A 119 14.88 -1.04 13.88
N VAL A 120 16.08 -1.12 14.46
CA VAL A 120 17.30 -0.68 13.77
C VAL A 120 18.31 -1.84 13.61
N GLU A 121 19.23 -1.74 12.65
CA GLU A 121 20.41 -2.63 12.63
C GLU A 121 21.54 -1.88 13.32
N LYS A 122 22.29 -2.57 14.17
CA LYS A 122 23.10 -1.89 15.18
C LYS A 122 24.54 -1.68 14.76
N GLY A 123 25.28 -1.05 15.66
CA GLY A 123 26.70 -0.81 15.49
C GLY A 123 27.10 0.02 14.31
N SER A 124 28.08 -0.50 13.58
CA SER A 124 28.78 0.29 12.61
C SER A 124 27.85 0.68 11.48
N THR A 125 27.72 1.98 11.31
CA THR A 125 26.97 2.52 10.21
C THR A 125 27.82 2.91 8.99
N GLY A 126 29.15 2.93 9.19
CA GLY A 126 30.13 3.01 8.10
C GLY A 126 30.20 4.22 7.17
N MET A 127 30.39 5.40 7.76
CA MET A 127 30.67 6.64 7.03
C MET A 127 31.60 7.45 7.95
N PRO A 128 31.96 8.71 7.58
CA PRO A 128 32.63 9.59 8.55
C PRO A 128 31.74 10.09 9.69
N PRO A 129 32.33 10.28 10.89
CA PRO A 129 31.63 10.84 12.04
C PRO A 129 31.43 12.32 11.91
N GLY A 130 30.47 12.81 12.69
CA GLY A 130 29.99 14.15 12.48
C GLY A 130 28.65 14.39 13.13
N PRO A 131 27.88 15.33 12.53
CA PRO A 131 26.61 15.88 13.00
C PRO A 131 25.59 14.78 13.22
N PHE A 132 25.76 13.72 12.44
CA PHE A 132 24.74 12.71 12.28
C PHE A 132 24.38 12.13 13.63
N LEU A 133 25.32 12.14 14.58
CA LEU A 133 25.12 11.52 15.89
C LEU A 133 24.18 12.32 16.78
N GLY A 134 24.12 13.63 16.56
CA GLY A 134 23.32 14.51 17.40
C GLY A 134 21.83 14.23 17.42
N GLU A 135 21.23 14.17 16.23
CA GLU A 135 19.80 13.91 16.16
C GLU A 135 19.52 12.45 16.52
N LEU A 136 20.50 11.58 16.36
CA LEU A 136 20.37 10.20 16.80
C LEU A 136 19.98 10.20 18.24
N LYS A 137 20.79 10.88 19.04
CA LYS A 137 20.45 11.15 20.42
C LYS A 137 19.05 11.71 20.53
N SER A 138 18.75 12.73 19.72
CA SER A 138 17.60 13.62 19.93
C SER A 138 16.32 12.85 20.23
N VAL A 139 16.13 11.73 19.54
CA VAL A 139 15.09 10.81 19.96
C VAL A 139 15.67 9.46 20.46
N GLY A 140 15.61 9.29 21.78
CA GLY A 140 15.59 8.00 22.42
C GLY A 140 16.70 7.01 22.07
N ILE A 141 17.76 7.46 21.42
CA ILE A 141 18.76 6.54 20.90
C ILE A 141 20.06 6.66 21.65
N PRO A 142 20.38 5.65 22.47
CA PRO A 142 21.75 5.63 22.96
C PRO A 142 22.75 5.29 21.83
N ALA A 143 23.76 6.13 21.64
CA ALA A 143 24.78 5.86 20.63
C ALA A 143 26.13 6.48 21.03
N ALA A 144 27.21 5.75 20.76
CA ALA A 144 28.53 6.18 21.13
C ALA A 144 29.35 6.22 19.86
N ILE A 145 30.63 6.47 19.95
CA ILE A 145 31.43 6.28 18.75
C ILE A 145 32.40 5.15 19.06
N GLU A 146 32.81 4.42 18.04
CA GLU A 146 33.69 3.29 18.20
C GLU A 146 34.46 3.41 16.89
N LYS A 147 35.27 2.42 16.49
CA LYS A 147 36.23 2.65 15.41
C LYS A 147 35.51 3.28 14.21
N GLY A 148 35.95 4.46 13.79
CA GLY A 148 35.56 4.95 12.49
C GLY A 148 34.17 5.56 12.34
N LYS A 149 33.23 5.25 13.24
CA LYS A 149 31.94 5.98 13.34
C LYS A 149 31.01 5.38 14.41
N ILE A 150 29.84 6.02 14.52
CA ILE A 150 28.79 5.71 15.46
C ILE A 150 28.36 4.27 15.50
N ALA A 151 28.31 3.77 16.73
CA ALA A 151 27.76 2.48 17.01
C ALA A 151 26.44 2.73 17.72
N ILE A 152 25.53 1.78 17.59
CA ILE A 152 24.34 1.84 18.37
C ILE A 152 24.28 0.53 19.14
N LYS A 153 24.28 0.65 20.46
CA LYS A 153 24.35 -0.51 21.34
C LYS A 153 23.03 -1.27 21.36
N GLU A 154 21.96 -0.48 21.41
CA GLU A 154 20.62 -0.89 21.81
C GLU A 154 19.95 -2.05 21.05
N ASP A 155 19.22 -2.88 21.81
CA ASP A 155 18.01 -3.58 21.34
C ASP A 155 16.85 -3.39 22.35
N LYS A 156 15.83 -2.64 21.92
CA LYS A 156 14.59 -2.40 22.67
C LYS A 156 13.64 -1.67 21.69
N VAL A 157 12.43 -1.29 22.08
CA VAL A 157 11.57 -0.54 21.15
C VAL A 157 12.12 0.85 20.83
N VAL A 158 11.85 1.33 19.61
CA VAL A 158 12.05 2.74 19.32
C VAL A 158 10.76 3.50 19.50
N VAL A 159 9.87 3.30 18.52
CA VAL A 159 8.47 3.69 18.62
C VAL A 159 7.68 2.40 18.60
N LYS A 160 6.71 2.32 19.51
CA LYS A 160 5.83 1.18 19.55
C LYS A 160 4.55 1.58 18.81
N LYS A 161 3.89 0.63 18.16
CA LYS A 161 2.88 0.93 17.14
C LYS A 161 1.65 1.57 17.80
N GLY A 162 0.61 1.92 17.05
CA GLY A 162 -0.19 3.00 17.58
C GLY A 162 0.74 4.20 17.40
N GLU A 163 1.13 4.85 18.49
CA GLU A 163 1.57 6.24 18.47
C GLU A 163 2.53 6.58 17.33
N VAL A 164 2.28 7.74 16.73
CA VAL A 164 2.88 8.15 15.46
C VAL A 164 4.34 8.61 15.61
N VAL A 165 4.90 9.09 14.49
CA VAL A 165 6.32 9.39 14.36
C VAL A 165 6.55 10.87 14.01
N SER A 166 7.55 11.47 14.66
CA SER A 166 7.84 12.90 14.51
C SER A 166 8.16 13.26 13.06
N PRO A 167 7.97 14.56 12.67
CA PRO A 167 8.10 14.94 11.25
C PRO A 167 9.38 14.40 10.65
N LYS A 168 10.54 14.54 11.31
CA LYS A 168 11.44 13.41 11.28
C LYS A 168 11.86 13.05 12.71
N LEU A 169 11.25 11.99 13.23
CA LEU A 169 11.89 11.01 14.08
C LEU A 169 12.21 9.98 13.04
N ALA A 170 11.59 10.23 11.89
CA ALA A 170 11.38 9.22 10.89
C ALA A 170 12.69 8.67 10.45
N ALA A 171 13.44 9.46 9.71
CA ALA A 171 14.60 8.85 9.17
C ALA A 171 15.85 9.32 9.82
N VAL A 172 16.39 8.45 10.64
CA VAL A 172 17.78 8.14 10.58
C VAL A 172 17.77 6.99 9.61
N LEU A 173 16.57 6.46 9.41
CA LEU A 173 16.36 5.19 8.73
C LEU A 173 16.48 5.32 7.24
N ASP A 174 16.00 6.43 6.70
CA ASP A 174 16.24 6.73 5.30
C ASP A 174 17.72 7.03 5.14
N ARG A 175 18.33 7.58 6.19
CA ARG A 175 19.78 7.81 6.17
C ARG A 175 20.57 6.54 6.54
N LEU A 176 19.94 5.66 7.32
CA LEU A 176 20.59 4.40 7.72
C LEU A 176 20.37 3.34 6.65
N GLY A 177 19.42 3.59 5.75
CA GLY A 177 19.06 2.63 4.72
C GLY A 177 18.18 1.49 5.24
N ILE A 178 17.21 1.85 6.07
CA ILE A 178 16.26 0.87 6.58
C ILE A 178 14.89 1.18 5.99
N LYS A 179 14.34 0.19 5.30
CA LYS A 179 13.07 0.36 4.59
C LYS A 179 12.08 -0.67 5.13
N PRO A 180 11.68 -0.51 6.41
CA PRO A 180 11.01 -1.52 7.24
C PRO A 180 9.58 -1.82 6.82
N ILE A 181 8.99 -0.99 5.98
CA ILE A 181 7.59 -1.15 5.67
C ILE A 181 7.38 -1.67 4.25
N LYS A 182 6.35 -2.51 4.09
CA LYS A 182 5.97 -3.17 2.83
C LYS A 182 4.94 -2.31 2.09
N VAL A 183 5.24 -1.92 0.88
CA VAL A 183 4.23 -1.25 0.10
C VAL A 183 4.06 -1.87 -1.25
N GLY A 184 2.93 -1.52 -1.83
CA GLY A 184 2.50 -2.02 -3.13
C GLY A 184 1.02 -1.77 -3.16
N LEU A 185 0.32 -2.52 -4.00
CA LEU A 185 -1.12 -2.38 -4.11
C LEU A 185 -1.74 -2.91 -2.85
N ASN A 186 -2.50 -2.07 -2.18
CA ASN A 186 -3.23 -2.51 -1.01
C ASN A 186 -4.69 -2.43 -1.38
N ILE A 187 -5.51 -3.21 -0.71
CA ILE A 187 -6.90 -3.38 -1.13
C ILE A 187 -7.85 -2.53 -0.33
N LEU A 188 -8.66 -1.74 -1.02
CA LEU A 188 -9.75 -1.01 -0.37
C LEU A 188 -10.85 -1.96 0.08
N ALA A 189 -11.35 -2.74 -0.88
CA ALA A 189 -12.39 -3.72 -0.64
C ALA A 189 -12.74 -4.37 -1.97
N VAL A 190 -13.62 -5.37 -1.92
CA VAL A 190 -13.96 -6.21 -3.06
C VAL A 190 -15.12 -7.11 -2.62
N TYR A 191 -15.90 -7.59 -3.59
CA TYR A 191 -16.60 -8.87 -3.62
C TYR A 191 -17.53 -8.94 -4.78
N GLU A 192 -18.03 -10.14 -5.02
CA GLU A 192 -18.69 -10.41 -6.27
C GLU A 192 -20.12 -10.73 -6.00
N ASP A 193 -20.33 -11.92 -5.47
CA ASP A 193 -21.67 -12.44 -5.32
C ASP A 193 -22.25 -12.18 -3.94
N GLY A 194 -23.25 -11.30 -3.90
CA GLY A 194 -24.24 -11.27 -2.84
C GLY A 194 -23.68 -11.07 -1.45
N ILE A 195 -22.38 -10.80 -1.36
CA ILE A 195 -21.67 -10.76 -0.10
C ILE A 195 -20.51 -9.79 -0.30
N ILE A 196 -20.12 -9.06 0.74
CA ILE A 196 -19.11 -8.00 0.63
C ILE A 196 -18.25 -7.90 1.90
N TYR A 197 -16.93 -7.70 1.74
CA TYR A 197 -16.04 -7.67 2.90
C TYR A 197 -15.18 -6.38 3.02
N THR A 198 -14.78 -6.06 4.25
CA THR A 198 -13.74 -5.06 4.53
C THR A 198 -12.35 -5.75 4.57
N PRO A 199 -11.27 -5.06 4.13
CA PRO A 199 -10.00 -5.74 3.86
C PRO A 199 -9.38 -6.45 5.05
N ASP A 200 -9.86 -6.15 6.25
CA ASP A 200 -9.35 -6.76 7.47
C ASP A 200 -9.33 -8.30 7.39
N VAL A 201 -10.34 -8.84 6.74
CA VAL A 201 -10.59 -10.26 6.69
C VAL A 201 -9.50 -11.02 5.94
N LEU A 202 -8.81 -10.32 5.06
CA LEU A 202 -7.88 -11.01 4.19
C LEU A 202 -6.60 -11.42 4.93
N LYS A 203 -6.15 -10.59 5.87
CA LYS A 203 -4.88 -10.87 6.56
C LYS A 203 -5.10 -12.22 7.25
N VAL A 204 -6.30 -12.39 7.79
CA VAL A 204 -6.65 -13.57 8.55
C VAL A 204 -6.91 -14.79 7.62
N ASP A 205 -7.42 -15.91 8.17
CA ASP A 205 -7.49 -17.26 7.55
C ASP A 205 -6.08 -17.86 7.28
N GLU A 206 -5.44 -18.25 8.39
CA GLU A 206 -4.17 -19.00 8.47
C GLU A 206 -3.98 -20.01 7.33
#